data_8BEA
#
_entry.id   8BEA
#
_cell.length_a   150.320
_cell.length_b   150.320
_cell.length_c   203.710
_cell.angle_alpha   90.000
_cell.angle_beta   90.000
_cell.angle_gamma   90.000
#
_symmetry.space_group_name_H-M   'I 4 2 2'
#
loop_
_entity.id
_entity.type
_entity.pdbx_description
1 polymer 'GTPase HRas'
2 polymer 'Son of sevenless homolog 1'
3 polymer SOS1-HRas-peptidomimetic10
4 water water
#
loop_
_entity_poly.entity_id
_entity_poly.type
_entity_poly.pdbx_seq_one_letter_code
_entity_poly.pdbx_strand_id
1 'polypeptide(L)'
;MGSSHHHHHHSSGLVPRGSHMTEYKLVVVGAGGVGKSALTIQLIQNHFVDEYDPTIEDSYRKQVVIDGETCLLDILDTAG
QEEYSAMRDQYMRTGEGFLCVFAINNTKSFEDIHQYREQIKRVKDSDDVPMVLVGNKCDLAARTVESRQAQDLARSYGIP
YIETSAKTRQGVEDAFYTLVREIRQH
;
R
2 'polypeptide(L)'
;MGSSHHHHHHSSGLVPRGSHMEEQMRLPSADVYRFAEPDSEENIIFEENMQPKAGIPIIKAGTVIKLIERLTYHMYADPN
FVRTFLTTYRSFCKPQELLSLIIERFEIPEPEPTEADRIAIENGDQPLSAELKRFRKEYIQPVQLRVLNVCRHWVEHHFY
DFERDAYLLQRMEEFIGTVRGKAMKKWVESITKIIQRKKIARDNGPGHNITFQSSPPTVEWHISRPGHIETFDLLTLHPI
EIARQLTLLESDLYRAVQPSELVGSVWTKEDKEINSPNLLKMIRHTTNLTLWFEKCIVETENLEERVAVVSRIIEILQVF
QELNNFNGVLEVVSAMNSSPVYRLDHTFEQIPSRQKKILEEAHELSEDHYKKYLAKLRSINPPCVPFFGIYLTNILKTEE
GNPEVLKRHGKELINFSKRRKVAEITGEIQQYQNQPYCLRVESDIKRFFENLNPMGNSMEKEFTDYLFNKSLEIEPRNPK
PLPRFPKKYSYPLKSPGVRPSNPRPGT
;
S
3 'polypeptide(L)' (VDE)(7XC)HPWSV P
#
# COMPACT_ATOMS: atom_id res chain seq x y z
N MET A 21 -23.64 -3.60 -22.99
CA MET A 21 -24.23 -3.92 -21.69
C MET A 21 -23.89 -2.92 -20.59
N THR A 22 -24.79 -2.81 -19.63
CA THR A 22 -24.62 -1.81 -18.59
C THR A 22 -23.43 -2.17 -17.68
N GLU A 23 -22.68 -1.15 -17.30
CA GLU A 23 -21.61 -1.28 -16.33
C GLU A 23 -21.99 -0.55 -15.04
N TYR A 24 -21.78 -1.21 -13.90
CA TYR A 24 -22.02 -0.64 -12.57
C TYR A 24 -20.71 -0.44 -11.83
N LYS A 25 -20.43 0.81 -11.43
CA LYS A 25 -19.30 1.17 -10.58
C LYS A 25 -19.69 1.05 -9.10
N LEU A 26 -19.19 -0.01 -8.44
CA LEU A 26 -19.42 -0.28 -7.03
C LEU A 26 -18.17 0.06 -6.21
N VAL A 27 -18.37 0.58 -4.99
CA VAL A 27 -17.28 0.92 -4.09
C VAL A 27 -17.49 0.24 -2.74
N VAL A 28 -16.49 -0.45 -2.26
CA VAL A 28 -16.50 -1.04 -0.93
C VAL A 28 -15.97 -0.02 0.07
N VAL A 29 -16.73 0.23 1.13
CA VAL A 29 -16.32 1.14 2.18
C VAL A 29 -16.38 0.40 3.51
N GLY A 30 -15.37 0.58 4.35
CA GLY A 30 -15.49 0.07 5.70
C GLY A 30 -14.16 0.02 6.40
N ALA A 31 -14.22 -0.33 7.69
CA ALA A 31 -13.02 -0.31 8.52
C ALA A 31 -11.98 -1.31 8.03
N GLY A 32 -10.71 -0.93 8.16
CA GLY A 32 -9.57 -1.83 8.00
C GLY A 32 -9.35 -2.81 9.17
N GLY A 33 -8.37 -3.69 8.95
CA GLY A 33 -7.90 -4.69 9.89
C GLY A 33 -8.88 -5.78 10.29
N VAL A 34 -9.96 -5.99 9.54
CA VAL A 34 -10.97 -6.98 9.91
C VAL A 34 -11.39 -7.74 8.66
N GLY A 35 -10.45 -7.90 7.71
CA GLY A 35 -10.63 -8.65 6.47
C GLY A 35 -11.81 -8.31 5.56
N LYS A 36 -12.14 -7.03 5.36
CA LYS A 36 -13.21 -6.72 4.40
C LYS A 36 -12.88 -7.18 2.98
N SER A 37 -11.59 -7.33 2.62
CA SER A 37 -11.23 -7.67 1.24
C SER A 37 -11.82 -9.03 0.81
N ALA A 38 -12.06 -9.90 1.78
CA ALA A 38 -12.66 -11.20 1.49
C ALA A 38 -13.94 -11.05 0.68
N LEU A 39 -14.72 -10.01 0.92
CA LEU A 39 -15.96 -9.91 0.16
C LEU A 39 -15.75 -9.87 -1.37
N THR A 40 -14.91 -8.94 -1.83
CA THR A 40 -14.83 -8.76 -3.27
C THR A 40 -14.02 -9.88 -3.87
N ILE A 41 -12.98 -10.30 -3.16
CA ILE A 41 -12.13 -11.40 -3.61
C ILE A 41 -13.06 -12.58 -3.87
N GLN A 42 -13.91 -12.92 -2.91
CA GLN A 42 -14.79 -14.09 -3.05
C GLN A 42 -15.76 -13.92 -4.22
N LEU A 43 -16.30 -12.73 -4.41
CA LEU A 43 -17.17 -12.56 -5.56
C LEU A 43 -16.43 -12.88 -6.84
N ILE A 44 -15.21 -12.35 -6.96
CA ILE A 44 -14.30 -12.39 -8.15
C ILE A 44 -13.72 -13.79 -8.44
N GLN A 45 -13.25 -14.55 -7.44
CA GLN A 45 -12.79 -15.92 -7.62
C GLN A 45 -13.88 -16.83 -8.18
N ASN A 46 -13.45 -17.94 -8.78
CA ASN A 46 -14.31 -18.82 -9.56
C ASN A 46 -15.28 -19.63 -8.71
N HIS A 47 -15.23 -19.49 -7.39
CA HIS A 47 -15.94 -20.29 -6.39
C HIS A 47 -15.24 -21.59 -6.13
N PHE A 48 -14.33 -22.01 -7.00
CA PHE A 48 -13.55 -23.22 -6.78
C PHE A 48 -12.07 -22.98 -7.00
N VAL A 49 -11.69 -21.74 -7.32
CA VAL A 49 -10.30 -21.34 -7.44
C VAL A 49 -9.98 -20.51 -6.22
N ASP A 50 -8.91 -20.87 -5.51
CA ASP A 50 -8.47 -20.13 -4.34
C ASP A 50 -7.36 -19.12 -4.64
N GLU A 51 -6.84 -19.06 -5.86
CA GLU A 51 -5.85 -18.04 -6.18
C GLU A 51 -6.53 -16.68 -6.32
N TYR A 52 -5.71 -15.63 -6.29
CA TYR A 52 -6.13 -14.27 -6.57
C TYR A 52 -4.88 -13.43 -6.88
N ASP A 53 -4.90 -12.70 -8.00
CA ASP A 53 -3.82 -11.80 -8.38
C ASP A 53 -4.42 -10.41 -8.52
N PRO A 54 -4.26 -9.54 -7.53
CA PRO A 54 -4.96 -8.26 -7.59
C PRO A 54 -4.41 -7.31 -8.62
N THR A 55 -3.33 -7.70 -9.30
CA THR A 55 -2.59 -6.80 -10.19
C THR A 55 -3.07 -6.86 -11.62
N ILE A 56 -4.23 -7.45 -11.90
CA ILE A 56 -4.77 -7.54 -13.26
C ILE A 56 -6.25 -7.16 -13.27
N GLU A 57 -6.70 -6.55 -14.38
CA GLU A 57 -8.07 -6.03 -14.48
C GLU A 57 -9.11 -7.09 -14.15
N ASP A 58 -8.92 -8.32 -14.62
CA ASP A 58 -9.85 -9.40 -14.31
C ASP A 58 -10.08 -9.60 -12.83
N SER A 59 -9.25 -8.98 -11.96
CA SER A 59 -9.36 -9.11 -10.51
C SER A 59 -10.44 -8.22 -9.90
N TYR A 60 -10.89 -7.18 -10.62
CA TYR A 60 -11.95 -6.32 -10.10
C TYR A 60 -13.10 -6.08 -11.09
N ARG A 61 -13.13 -6.78 -12.24
CA ARG A 61 -14.22 -6.68 -13.20
C ARG A 61 -14.80 -8.07 -13.46
N LYS A 62 -16.11 -8.18 -13.38
CA LYS A 62 -16.78 -9.46 -13.54
C LYS A 62 -18.11 -9.24 -14.26
N GLN A 63 -18.34 -10.06 -15.29
CA GLN A 63 -19.60 -10.07 -16.02
C GLN A 63 -20.54 -11.07 -15.36
N VAL A 64 -21.75 -10.63 -15.06
CA VAL A 64 -22.72 -11.44 -14.33
C VAL A 64 -24.10 -11.22 -14.94
N VAL A 65 -25.03 -12.12 -14.61
CA VAL A 65 -26.45 -11.99 -15.04
C VAL A 65 -27.28 -11.87 -13.77
N ILE A 66 -27.97 -10.76 -13.62
CA ILE A 66 -28.81 -10.47 -12.46
C ILE A 66 -30.25 -10.28 -12.94
N ASP A 67 -31.15 -11.06 -12.35
CA ASP A 67 -32.57 -11.06 -12.71
C ASP A 67 -32.74 -11.13 -14.23
N GLY A 68 -31.93 -11.95 -14.91
CA GLY A 68 -32.02 -12.10 -16.34
C GLY A 68 -31.39 -11.02 -17.19
N GLU A 69 -30.79 -10.00 -16.62
CA GLU A 69 -30.10 -8.99 -17.41
C GLU A 69 -28.59 -9.09 -17.15
N THR A 70 -27.81 -9.23 -18.22
CA THR A 70 -26.36 -9.28 -18.14
C THR A 70 -25.78 -7.88 -17.95
N CYS A 71 -24.77 -7.79 -17.10
CA CYS A 71 -24.10 -6.53 -16.80
C CYS A 71 -22.67 -6.79 -16.33
N LEU A 72 -21.91 -5.73 -16.27
CA LEU A 72 -20.52 -5.83 -15.85
C LEU A 72 -20.39 -5.06 -14.54
N LEU A 73 -19.94 -5.75 -13.48
CA LEU A 73 -19.61 -5.13 -12.20
C LEU A 73 -18.14 -4.70 -12.18
N ASP A 74 -17.89 -3.40 -11.96
CA ASP A 74 -16.56 -2.84 -11.67
C ASP A 74 -16.50 -2.48 -10.19
N ILE A 75 -15.61 -3.15 -9.45
CA ILE A 75 -15.61 -3.10 -7.99
C ILE A 75 -14.32 -2.48 -7.49
N LEU A 76 -14.43 -1.29 -6.87
CA LEU A 76 -13.32 -0.64 -6.21
C LEU A 76 -13.30 -1.05 -4.74
N ASP A 77 -12.23 -1.73 -4.32
CA ASP A 77 -11.98 -2.01 -2.92
C ASP A 77 -10.57 -1.55 -2.58
N THR A 78 -10.44 -0.48 -1.79
CA THR A 78 -9.14 0.08 -1.44
C THR A 78 -8.56 -0.49 -0.15
N ALA A 79 -8.97 -1.69 0.26
CA ALA A 79 -8.43 -2.33 1.46
C ALA A 79 -6.91 -2.13 1.57
N GLY A 80 -6.49 -1.65 2.73
CA GLY A 80 -5.09 -1.42 3.01
C GLY A 80 -4.66 0.04 3.01
N GLN A 81 -5.48 0.93 2.44
CA GLN A 81 -5.19 2.36 2.29
C GLN A 81 -6.02 3.22 3.25
N GLU A 82 -6.49 2.60 4.35
CA GLU A 82 -7.40 3.28 5.29
C GLU A 82 -6.73 4.49 5.95
N GLU A 83 -5.40 4.43 6.20
CA GLU A 83 -4.69 5.59 6.74
C GLU A 83 -4.75 6.81 5.80
N TYR A 84 -4.90 6.60 4.50
CA TYR A 84 -5.06 7.73 3.56
C TYR A 84 -6.47 8.34 3.67
N SER A 85 -6.76 8.94 4.83
CA SER A 85 -8.15 9.31 5.13
C SER A 85 -8.65 10.44 4.21
N ALA A 86 -7.73 11.29 3.75
CA ALA A 86 -8.11 12.37 2.86
C ALA A 86 -8.32 11.89 1.43
N MET A 87 -8.07 10.62 1.10
CA MET A 87 -8.44 10.13 -0.22
C MET A 87 -9.83 9.49 -0.27
N ARG A 88 -10.55 9.42 0.86
CA ARG A 88 -11.83 8.71 0.82
C ARG A 88 -12.81 9.37 -0.18
N ASP A 89 -12.84 10.71 -0.23
CA ASP A 89 -13.77 11.42 -1.12
C ASP A 89 -13.47 11.10 -2.57
N GLN A 90 -12.17 11.08 -2.91
CA GLN A 90 -11.76 10.78 -4.28
C GLN A 90 -12.27 9.39 -4.63
N TYR A 91 -12.06 8.44 -3.70
CA TYR A 91 -12.41 7.08 -4.07
C TYR A 91 -13.93 6.94 -4.15
N MET A 92 -14.67 7.56 -3.20
CA MET A 92 -16.13 7.39 -3.19
C MET A 92 -16.72 8.07 -4.39
N ARG A 93 -16.10 9.14 -4.85
CA ARG A 93 -16.60 9.91 -6.01
C ARG A 93 -16.73 8.99 -7.23
N THR A 94 -15.88 7.97 -7.35
CA THR A 94 -16.00 7.14 -8.54
C THR A 94 -17.22 6.22 -8.54
N GLY A 95 -17.89 6.01 -7.41
CA GLY A 95 -18.89 4.97 -7.31
C GLY A 95 -20.31 5.47 -7.59
N GLU A 96 -21.14 4.56 -8.07
CA GLU A 96 -22.55 4.83 -8.04
C GLU A 96 -23.29 3.98 -7.02
N GLY A 97 -22.72 2.87 -6.57
CA GLY A 97 -23.31 2.12 -5.48
C GLY A 97 -22.25 1.70 -4.47
N PHE A 98 -22.67 1.57 -3.22
CA PHE A 98 -21.70 1.41 -2.13
C PHE A 98 -22.07 0.22 -1.26
N LEU A 99 -21.09 -0.65 -1.02
CA LEU A 99 -21.18 -1.66 0.03
C LEU A 99 -20.50 -1.13 1.27
N CYS A 100 -21.27 -0.90 2.34
CA CYS A 100 -20.72 -0.51 3.63
C CYS A 100 -20.56 -1.76 4.49
N VAL A 101 -19.30 -2.14 4.76
CA VAL A 101 -18.92 -3.42 5.33
C VAL A 101 -18.34 -3.21 6.73
N PHE A 102 -18.79 -4.04 7.67
CA PHE A 102 -18.25 -4.12 9.02
C PHE A 102 -18.08 -5.59 9.35
N ALA A 103 -17.30 -5.90 10.38
CA ALA A 103 -17.09 -7.29 10.78
C ALA A 103 -17.99 -7.62 11.97
N ILE A 104 -18.73 -8.74 11.89
CA ILE A 104 -19.64 -9.05 12.99
C ILE A 104 -18.91 -9.37 14.31
N ASN A 105 -17.58 -9.52 14.31
CA ASN A 105 -16.79 -9.71 15.54
C ASN A 105 -16.11 -8.44 16.02
N ASN A 106 -16.41 -7.28 15.42
CA ASN A 106 -15.70 -6.04 15.77
C ASN A 106 -16.73 -4.92 15.86
N THR A 107 -17.12 -4.58 17.08
CA THR A 107 -18.16 -3.58 17.31
C THR A 107 -17.76 -2.22 16.78
N LYS A 108 -16.49 -1.83 16.97
CA LYS A 108 -16.01 -0.55 16.46
C LYS A 108 -16.29 -0.37 14.94
N SER A 109 -16.05 -1.41 14.12
CA SER A 109 -16.33 -1.33 12.68
C SER A 109 -17.80 -1.09 12.39
N PHE A 110 -18.69 -1.73 13.17
CA PHE A 110 -20.11 -1.46 13.07
C PHE A 110 -20.41 -0.01 13.44
N GLU A 111 -19.74 0.50 14.47
CA GLU A 111 -19.98 1.89 14.88
C GLU A 111 -19.52 2.89 13.85
N ASP A 112 -18.46 2.58 13.09
CA ASP A 112 -17.94 3.51 12.08
C ASP A 112 -18.91 3.71 10.90
N ILE A 113 -19.83 2.76 10.69
CA ILE A 113 -20.70 2.78 9.51
C ILE A 113 -21.42 4.11 9.40
N HIS A 114 -21.87 4.67 10.52
CA HIS A 114 -22.69 5.87 10.44
C HIS A 114 -21.92 6.98 9.73
N GLN A 115 -20.64 7.13 10.07
CA GLN A 115 -19.87 8.22 9.50
C GLN A 115 -19.53 7.95 8.06
N TYR A 116 -19.22 6.69 7.76
CA TYR A 116 -18.98 6.32 6.37
C TYR A 116 -20.17 6.71 5.49
N ARG A 117 -21.39 6.45 5.96
CA ARG A 117 -22.54 6.77 5.15
C ARG A 117 -22.75 8.28 5.04
N GLU A 118 -22.57 9.02 6.15
CA GLU A 118 -22.60 10.49 6.05
C GLU A 118 -21.64 10.97 4.97
N GLN A 119 -20.46 10.36 4.92
CA GLN A 119 -19.48 10.82 3.95
C GLN A 119 -19.91 10.45 2.52
N ILE A 120 -20.47 9.26 2.32
CA ILE A 120 -20.96 8.93 0.98
C ILE A 120 -22.05 9.93 0.55
N LYS A 121 -22.96 10.28 1.46
CA LYS A 121 -24.03 11.22 1.09
C LYS A 121 -23.48 12.61 0.76
N ARG A 122 -22.46 13.07 1.49
CA ARG A 122 -21.85 14.35 1.18
C ARG A 122 -21.10 14.31 -0.16
N VAL A 123 -20.36 13.24 -0.40
CA VAL A 123 -19.61 13.11 -1.64
C VAL A 123 -20.55 13.03 -2.84
N LYS A 124 -21.61 12.26 -2.71
CA LYS A 124 -22.53 12.13 -3.83
C LYS A 124 -23.55 13.26 -3.86
N ASP A 125 -23.53 14.14 -2.88
CA ASP A 125 -24.50 15.22 -2.80
C ASP A 125 -25.92 14.71 -2.91
N SER A 126 -26.26 13.68 -2.14
CA SER A 126 -27.58 13.11 -2.27
C SER A 126 -27.93 12.35 -1.00
N ASP A 127 -29.20 12.47 -0.58
CA ASP A 127 -29.64 11.79 0.62
C ASP A 127 -30.01 10.34 0.37
N ASP A 128 -30.07 9.95 -0.90
CA ASP A 128 -30.59 8.67 -1.34
C ASP A 128 -29.58 8.06 -2.30
N VAL A 129 -28.53 7.46 -1.77
CA VAL A 129 -27.48 6.85 -2.57
C VAL A 129 -27.69 5.33 -2.56
N PRO A 130 -27.72 4.68 -3.69
CA PRO A 130 -27.78 3.22 -3.67
C PRO A 130 -26.71 2.63 -2.76
N MET A 131 -27.16 1.96 -1.71
CA MET A 131 -26.18 1.32 -0.84
C MET A 131 -26.80 0.15 -0.09
N VAL A 132 -25.90 -0.67 0.40
CA VAL A 132 -26.20 -1.93 1.07
C VAL A 132 -25.35 -2.01 2.34
N LEU A 133 -25.91 -2.54 3.43
CA LEU A 133 -25.13 -2.79 4.64
C LEU A 133 -24.75 -4.27 4.72
N VAL A 134 -23.46 -4.56 4.92
CA VAL A 134 -22.95 -5.94 4.89
C VAL A 134 -22.23 -6.26 6.21
N GLY A 135 -22.70 -7.31 6.88
CA GLY A 135 -22.05 -7.85 8.06
C GLY A 135 -21.25 -9.06 7.71
N ASN A 136 -19.93 -8.97 7.87
CA ASN A 136 -19.02 -9.96 7.34
C ASN A 136 -18.48 -10.81 8.49
N LYS A 137 -18.68 -12.13 8.40
CA LYS A 137 -18.17 -13.11 9.35
C LYS A 137 -16.88 -13.67 8.76
N CYS A 138 -15.78 -13.03 9.14
CA CYS A 138 -14.43 -13.33 8.61
C CYS A 138 -13.64 -14.12 9.64
N ASP A 139 -14.11 -14.19 10.87
CA ASP A 139 -13.25 -14.85 11.86
C ASP A 139 -13.96 -16.01 12.53
N LEU A 140 -13.17 -16.74 13.30
CA LEU A 140 -13.62 -17.80 14.23
C LEU A 140 -13.95 -17.13 15.57
N ALA A 141 -13.59 -15.84 15.71
CA ALA A 141 -13.87 -14.96 16.86
C ALA A 141 -15.37 -14.80 17.06
N ALA A 142 -15.74 -14.52 18.29
CA ALA A 142 -17.15 -14.52 18.67
C ALA A 142 -17.87 -13.31 18.10
N ARG A 143 -19.07 -13.53 17.60
CA ARG A 143 -19.91 -12.42 17.20
C ARG A 143 -20.12 -11.45 18.36
N THR A 144 -20.01 -10.16 18.07
CA THR A 144 -20.31 -9.10 19.03
C THR A 144 -21.38 -8.16 18.52
N VAL A 145 -21.78 -8.28 17.26
CA VAL A 145 -22.82 -7.46 16.67
C VAL A 145 -23.93 -8.42 16.30
N GLU A 146 -25.04 -8.34 17.03
CA GLU A 146 -26.18 -9.25 16.79
C GLU A 146 -26.88 -8.86 15.50
N SER A 147 -27.38 -9.83 14.75
CA SER A 147 -28.07 -9.51 13.51
C SER A 147 -29.21 -8.52 13.73
N ARG A 148 -29.89 -8.56 14.89
CA ARG A 148 -30.98 -7.61 15.13
C ARG A 148 -30.52 -6.14 15.16
N GLN A 149 -29.40 -5.84 15.86
CA GLN A 149 -28.80 -4.51 15.84
C GLN A 149 -28.57 -4.00 14.43
N ALA A 150 -28.04 -4.88 13.57
CA ALA A 150 -27.66 -4.50 12.23
C ALA A 150 -28.89 -4.31 11.34
N GLN A 151 -29.84 -5.24 11.44
CA GLN A 151 -31.14 -5.06 10.77
C GLN A 151 -31.81 -3.75 11.18
N ASP A 152 -31.71 -3.38 12.47
CA ASP A 152 -32.32 -2.12 12.92
C ASP A 152 -31.61 -0.90 12.34
N LEU A 153 -30.27 -0.91 12.33
CA LEU A 153 -29.52 0.17 11.69
C LEU A 153 -29.88 0.28 10.21
N ALA A 154 -29.88 -0.87 9.51
CA ALA A 154 -30.18 -0.87 8.09
C ALA A 154 -31.55 -0.27 7.84
N ARG A 155 -32.53 -0.67 8.67
CA ARG A 155 -33.86 -0.15 8.49
C ARG A 155 -33.91 1.34 8.75
N SER A 156 -33.25 1.81 9.82
CA SER A 156 -33.25 3.25 10.11
C SER A 156 -32.65 4.06 8.95
N TYR A 157 -31.75 3.44 8.16
CA TYR A 157 -31.24 4.07 6.93
C TYR A 157 -32.11 3.83 5.71
N GLY A 158 -33.03 2.87 5.76
CA GLY A 158 -33.79 2.51 4.58
C GLY A 158 -33.02 1.75 3.53
N ILE A 159 -32.13 0.84 3.96
CA ILE A 159 -31.27 0.09 3.03
C ILE A 159 -31.27 -1.37 3.45
N PRO A 160 -30.97 -2.27 2.51
CA PRO A 160 -30.86 -3.71 2.84
C PRO A 160 -29.68 -3.99 3.76
N TYR A 161 -29.83 -5.06 4.54
CA TYR A 161 -28.77 -5.72 5.29
C TYR A 161 -28.52 -7.14 4.76
N ILE A 162 -27.26 -7.46 4.43
CA ILE A 162 -26.84 -8.82 4.05
C ILE A 162 -25.66 -9.26 4.92
N GLU A 163 -25.73 -10.49 5.44
CA GLU A 163 -24.62 -11.14 6.12
C GLU A 163 -23.90 -12.12 5.20
N THR A 164 -22.59 -12.19 5.34
CA THR A 164 -21.77 -13.04 4.50
C THR A 164 -20.76 -13.75 5.37
N SER A 165 -20.28 -14.87 4.87
CA SER A 165 -19.27 -15.68 5.52
C SER A 165 -18.08 -15.84 4.57
N ALA A 166 -16.89 -15.47 5.03
CA ALA A 166 -15.67 -15.56 4.21
C ALA A 166 -15.21 -17.00 4.05
N LYS A 167 -15.56 -17.89 4.98
CA LYS A 167 -15.07 -19.25 4.82
C LYS A 167 -15.94 -20.13 3.92
N THR A 168 -17.23 -19.81 3.76
CA THR A 168 -18.12 -20.65 2.96
C THR A 168 -18.61 -19.98 1.70
N ARG A 169 -18.44 -18.67 1.61
CA ARG A 169 -18.93 -17.79 0.51
C ARG A 169 -20.44 -17.59 0.61
N GLN A 170 -21.09 -18.07 1.66
CA GLN A 170 -22.49 -17.73 1.83
C GLN A 170 -22.68 -16.20 1.93
N GLY A 171 -23.70 -15.71 1.23
CA GLY A 171 -24.12 -14.33 1.26
C GLY A 171 -23.46 -13.39 0.26
N VAL A 172 -22.28 -13.75 -0.25
CA VAL A 172 -21.45 -12.82 -1.04
C VAL A 172 -22.18 -12.33 -2.28
N GLU A 173 -22.59 -13.29 -3.12
CA GLU A 173 -23.35 -12.96 -4.32
C GLU A 173 -24.57 -12.13 -3.95
N ASP A 174 -25.25 -12.51 -2.88
CA ASP A 174 -26.47 -11.81 -2.50
C ASP A 174 -26.21 -10.33 -2.21
N ALA A 175 -25.07 -10.02 -1.54
CA ALA A 175 -24.74 -8.65 -1.18
C ALA A 175 -24.52 -7.81 -2.41
N PHE A 176 -23.75 -8.35 -3.36
CA PHE A 176 -23.50 -7.56 -4.58
C PHE A 176 -24.76 -7.42 -5.44
N TYR A 177 -25.55 -8.50 -5.59
CA TYR A 177 -26.74 -8.43 -6.44
C TYR A 177 -27.80 -7.53 -5.84
N THR A 178 -27.95 -7.54 -4.53
CA THR A 178 -28.86 -6.62 -3.87
C THR A 178 -28.45 -5.18 -4.13
N LEU A 179 -27.13 -4.92 -4.15
CA LEU A 179 -26.70 -3.54 -4.43
C LEU A 179 -27.01 -3.14 -5.86
N VAL A 180 -26.73 -4.04 -6.80
CA VAL A 180 -27.14 -3.78 -8.18
C VAL A 180 -28.65 -3.54 -8.28
N ARG A 181 -29.46 -4.32 -7.54
CA ARG A 181 -30.90 -4.06 -7.63
C ARG A 181 -31.25 -2.68 -7.09
N GLU A 182 -30.57 -2.26 -6.00
CA GLU A 182 -30.75 -0.92 -5.44
C GLU A 182 -30.43 0.17 -6.47
N ILE A 183 -29.45 -0.07 -7.32
CA ILE A 183 -29.17 0.91 -8.38
C ILE A 183 -30.25 0.86 -9.45
N ARG A 184 -30.67 -0.34 -9.86
CA ARG A 184 -31.65 -0.43 -10.94
C ARG A 184 -32.99 0.17 -10.52
N GLN A 185 -33.32 0.10 -9.23
CA GLN A 185 -34.59 0.59 -8.71
C GLN A 185 -34.50 1.99 -8.16
N HIS A 186 -33.35 2.64 -8.21
CA HIS A 186 -33.25 3.96 -7.64
C HIS A 186 -34.30 4.91 -8.22
N MET B 25 24.64 -40.72 -6.52
CA MET B 25 25.22 -40.39 -5.22
C MET B 25 24.34 -40.85 -4.06
N ARG B 26 24.94 -41.37 -2.99
CA ARG B 26 24.21 -42.05 -1.93
C ARG B 26 24.19 -41.18 -0.68
N LEU B 27 22.99 -40.85 -0.22
CA LEU B 27 22.79 -39.96 0.91
C LEU B 27 22.54 -40.77 2.17
N PRO B 28 22.51 -40.11 3.32
CA PRO B 28 22.21 -40.81 4.57
C PRO B 28 20.74 -41.19 4.65
N SER B 29 20.41 -41.93 5.70
CA SER B 29 19.03 -42.38 5.90
C SER B 29 18.18 -41.22 6.41
N ALA B 30 16.99 -41.09 5.82
CA ALA B 30 16.05 -40.08 6.31
C ALA B 30 15.88 -40.20 7.82
N ASP B 31 15.99 -41.41 8.35
CA ASP B 31 15.88 -41.60 9.80
C ASP B 31 16.90 -40.73 10.54
N VAL B 32 18.09 -40.56 9.97
CA VAL B 32 19.15 -39.83 10.64
C VAL B 32 19.29 -38.39 10.15
N TYR B 33 18.78 -38.07 8.97
CA TYR B 33 18.96 -36.75 8.37
C TYR B 33 17.69 -36.45 7.59
N ARG B 34 16.83 -35.61 8.15
CA ARG B 34 15.48 -35.34 7.57
C ARG B 34 15.53 -34.80 6.14
N PHE B 35 16.58 -34.08 5.76
CA PHE B 35 16.68 -33.48 4.44
C PHE B 35 17.05 -34.49 3.36
N ALA B 36 17.16 -35.76 3.70
CA ALA B 36 17.46 -36.82 2.75
C ALA B 36 16.22 -37.48 2.16
N GLU B 37 15.03 -37.22 2.68
CA GLU B 37 13.82 -37.77 2.09
C GLU B 37 13.69 -37.32 0.63
N PRO B 38 13.44 -38.21 -0.33
CA PRO B 38 13.31 -37.78 -1.73
C PRO B 38 12.09 -36.91 -1.98
N ASP B 39 12.18 -36.12 -3.03
CA ASP B 39 11.04 -35.32 -3.46
C ASP B 39 9.86 -36.21 -3.83
N SER B 40 8.65 -35.76 -3.49
CA SER B 40 7.41 -36.41 -3.90
C SER B 40 6.33 -35.34 -4.01
N GLU B 41 5.20 -35.72 -4.63
CA GLU B 41 4.06 -34.80 -4.70
C GLU B 41 3.47 -34.53 -3.34
N GLU B 42 3.96 -35.18 -2.30
CA GLU B 42 3.57 -34.81 -0.97
C GLU B 42 4.52 -33.86 -0.27
N ASN B 43 5.66 -33.54 -0.85
CA ASN B 43 6.52 -32.59 -0.15
C ASN B 43 7.01 -31.41 -0.96
N ILE B 44 6.90 -31.43 -2.30
CA ILE B 44 7.27 -30.25 -3.10
C ILE B 44 6.55 -30.29 -4.45
N ILE B 45 5.87 -29.18 -4.80
CA ILE B 45 5.22 -28.97 -6.11
C ILE B 45 5.88 -27.76 -6.75
N PHE B 46 6.03 -27.81 -8.07
CA PHE B 46 6.61 -26.73 -8.85
C PHE B 46 5.53 -26.07 -9.69
N GLU B 47 5.78 -24.84 -10.12
CA GLU B 47 4.88 -24.18 -11.06
C GLU B 47 5.03 -24.83 -12.44
N GLU B 48 3.91 -25.24 -13.05
CA GLU B 48 3.95 -26.10 -14.25
C GLU B 48 3.71 -25.32 -15.52
N ASN B 49 3.68 -23.99 -15.43
CA ASN B 49 3.60 -23.15 -16.62
C ASN B 49 4.51 -21.93 -16.55
N MET B 50 5.40 -21.96 -15.60
CA MET B 50 6.31 -20.83 -15.62
C MET B 50 7.61 -21.37 -16.15
N GLN B 51 8.24 -20.60 -17.03
CA GLN B 51 9.59 -20.81 -17.50
C GLN B 51 10.50 -20.73 -16.27
N PRO B 52 11.46 -21.63 -16.12
CA PRO B 52 12.41 -21.51 -15.03
C PRO B 52 13.23 -20.27 -15.25
N LYS B 53 13.69 -19.65 -14.18
CA LYS B 53 14.58 -18.49 -14.30
C LYS B 53 16.01 -19.04 -14.18
N ALA B 54 16.84 -18.82 -15.21
CA ALA B 54 18.24 -19.30 -15.24
C ALA B 54 18.33 -20.82 -15.04
N GLY B 55 17.42 -21.55 -15.68
CA GLY B 55 17.42 -23.02 -15.63
C GLY B 55 16.86 -23.59 -14.35
N ILE B 56 16.58 -22.75 -13.38
CA ILE B 56 16.03 -23.20 -12.09
C ILE B 56 14.51 -23.28 -12.09
N PRO B 57 13.93 -24.39 -11.64
CA PRO B 57 12.46 -24.52 -11.68
C PRO B 57 11.86 -23.68 -10.54
N ILE B 58 10.65 -23.19 -10.76
CA ILE B 58 9.98 -22.32 -9.80
C ILE B 58 9.19 -23.15 -8.79
N ILE B 59 9.55 -23.06 -7.52
CA ILE B 59 8.85 -23.81 -6.48
C ILE B 59 7.48 -23.22 -6.23
N LYS B 60 6.44 -24.06 -6.29
CA LYS B 60 5.08 -23.64 -5.97
C LYS B 60 4.79 -23.79 -4.49
N ALA B 61 5.12 -24.94 -3.88
CA ALA B 61 4.75 -25.22 -2.50
C ALA B 61 5.62 -26.36 -1.98
N GLY B 62 5.69 -26.50 -0.67
CA GLY B 62 6.55 -27.54 -0.14
C GLY B 62 6.48 -27.53 1.36
N THR B 63 6.88 -28.65 1.95
CA THR B 63 7.05 -28.66 3.39
C THR B 63 8.20 -27.72 3.74
N VAL B 64 8.26 -27.32 5.01
CA VAL B 64 9.34 -26.42 5.40
C VAL B 64 10.69 -27.13 5.25
N ILE B 65 10.73 -28.44 5.52
CA ILE B 65 11.92 -29.23 5.30
C ILE B 65 12.39 -29.09 3.86
N LYS B 66 11.46 -29.27 2.90
CA LYS B 66 11.83 -29.19 1.49
C LYS B 66 12.19 -27.76 1.09
N LEU B 67 11.54 -26.78 1.70
CA LEU B 67 11.86 -25.39 1.38
C LEU B 67 13.26 -25.05 1.88
N ILE B 68 13.64 -25.60 3.04
CA ILE B 68 14.97 -25.39 3.58
C ILE B 68 16.01 -26.07 2.72
N GLU B 69 15.77 -27.34 2.36
CA GLU B 69 16.62 -28.07 1.42
C GLU B 69 16.89 -27.26 0.15
N ARG B 70 15.83 -26.79 -0.53
CA ARG B 70 16.06 -26.02 -1.75
C ARG B 70 16.71 -24.66 -1.48
N LEU B 71 16.47 -24.09 -0.30
CA LEU B 71 17.19 -22.88 0.07
C LEU B 71 18.69 -23.13 0.19
N THR B 72 19.09 -24.38 0.45
CA THR B 72 20.50 -24.71 0.61
C THR B 72 20.88 -25.89 -0.30
N TYR B 73 20.42 -25.84 -1.56
CA TYR B 73 20.47 -26.99 -2.45
C TYR B 73 21.90 -27.29 -2.89
N HIS B 74 22.26 -28.57 -2.94
CA HIS B 74 23.64 -28.89 -3.29
C HIS B 74 23.92 -28.77 -4.78
N MET B 75 22.92 -28.86 -5.65
CA MET B 75 23.24 -28.82 -7.08
C MET B 75 23.57 -27.42 -7.59
N TYR B 76 23.05 -26.36 -6.97
CA TYR B 76 23.33 -25.01 -7.44
C TYR B 76 22.85 -24.01 -6.40
N ALA B 77 23.34 -22.78 -6.53
CA ALA B 77 22.86 -21.67 -5.71
C ALA B 77 21.59 -21.11 -6.33
N ASP B 78 20.76 -20.50 -5.49
CA ASP B 78 19.46 -19.96 -5.92
C ASP B 78 19.23 -18.61 -5.23
N PRO B 79 20.00 -17.59 -5.62
CA PRO B 79 19.90 -16.30 -4.92
C PRO B 79 18.50 -15.73 -4.89
N ASN B 80 17.71 -15.93 -5.93
CA ASN B 80 16.37 -15.36 -5.90
C ASN B 80 15.47 -16.06 -4.91
N PHE B 81 15.59 -17.39 -4.83
CA PHE B 81 14.86 -18.08 -3.79
C PHE B 81 15.30 -17.62 -2.41
N VAL B 82 16.61 -17.35 -2.23
CA VAL B 82 17.12 -16.96 -0.92
C VAL B 82 16.56 -15.62 -0.52
N ARG B 83 16.51 -14.68 -1.47
CA ARG B 83 15.95 -13.36 -1.22
C ARG B 83 14.48 -13.46 -0.84
N THR B 84 13.72 -14.21 -1.62
CA THR B 84 12.29 -14.29 -1.37
C THR B 84 12.03 -14.95 -0.02
N PHE B 85 12.77 -16.03 0.25
CA PHE B 85 12.56 -16.78 1.49
C PHE B 85 12.85 -15.91 2.70
N LEU B 86 14.01 -15.23 2.72
CA LEU B 86 14.38 -14.43 3.89
C LEU B 86 13.49 -13.22 4.05
N THR B 87 12.83 -12.78 2.96
CA THR B 87 11.91 -11.66 3.08
C THR B 87 10.55 -12.11 3.61
N THR B 88 10.14 -13.35 3.35
CA THR B 88 8.75 -13.68 3.61
C THR B 88 8.49 -14.84 4.59
N TYR B 89 9.53 -15.50 5.11
CA TYR B 89 9.38 -16.77 5.82
C TYR B 89 8.69 -16.66 7.18
N ARG B 90 8.55 -15.46 7.74
CA ARG B 90 8.09 -15.38 9.13
C ARG B 90 6.62 -15.71 9.27
N SER B 91 5.84 -15.66 8.18
CA SER B 91 4.45 -16.13 8.23
C SER B 91 4.33 -17.63 8.46
N PHE B 92 5.28 -18.45 8.00
CA PHE B 92 5.17 -19.90 8.17
C PHE B 92 6.24 -20.52 9.08
N CYS B 93 7.20 -19.73 9.55
CA CYS B 93 8.33 -20.30 10.27
C CYS B 93 8.91 -19.20 11.14
N LYS B 94 9.13 -19.51 12.38
CA LYS B 94 9.63 -18.45 13.23
C LYS B 94 11.13 -18.34 13.07
N PRO B 95 11.70 -17.18 13.38
CA PRO B 95 13.17 -17.02 13.25
C PRO B 95 14.01 -18.03 14.06
N GLN B 96 13.64 -18.30 15.31
CA GLN B 96 14.37 -19.31 16.09
C GLN B 96 14.31 -20.69 15.42
N GLU B 97 13.15 -21.04 14.88
CA GLU B 97 12.96 -22.30 14.18
C GLU B 97 13.76 -22.37 12.88
N LEU B 98 13.84 -21.26 12.14
CA LEU B 98 14.63 -21.27 10.92
C LEU B 98 16.11 -21.47 11.26
N LEU B 99 16.57 -20.82 12.33
CA LEU B 99 17.95 -21.02 12.75
C LEU B 99 18.20 -22.47 13.12
N SER B 100 17.28 -23.08 13.88
CA SER B 100 17.45 -24.49 14.22
C SER B 100 17.42 -25.35 12.96
N LEU B 101 16.63 -24.97 11.96
CA LEU B 101 16.56 -25.79 10.77
C LEU B 101 17.84 -25.71 9.94
N ILE B 102 18.43 -24.51 9.80
CA ILE B 102 19.60 -24.49 8.95
C ILE B 102 20.82 -25.01 9.69
N ILE B 103 20.82 -24.94 11.03
CA ILE B 103 21.86 -25.63 11.77
C ILE B 103 21.73 -27.14 11.57
N GLU B 104 20.52 -27.68 11.70
CA GLU B 104 20.31 -29.11 11.45
C GLU B 104 20.72 -29.50 10.04
N ARG B 105 20.44 -28.64 9.05
CA ARG B 105 20.81 -28.92 7.67
C ARG B 105 22.33 -28.94 7.51
N PHE B 106 23.04 -28.08 8.25
CA PHE B 106 24.49 -28.00 8.14
C PHE B 106 25.16 -29.26 8.65
N GLU B 107 24.58 -29.91 9.67
CA GLU B 107 25.22 -31.02 10.36
C GLU B 107 24.87 -32.34 9.66
N ILE B 108 25.61 -32.65 8.59
CA ILE B 108 25.28 -33.76 7.71
C ILE B 108 26.07 -35.01 8.17
N PRO B 109 25.40 -36.07 8.62
CA PRO B 109 26.14 -37.29 8.94
C PRO B 109 26.51 -38.04 7.68
N GLU B 110 27.65 -38.81 7.76
CA GLU B 110 28.04 -39.59 6.59
C GLU B 110 27.40 -40.99 6.63
N PRO B 111 27.11 -41.58 5.46
CA PRO B 111 26.45 -42.89 5.41
C PRO B 111 27.35 -44.05 5.89
N ALA B 130 37.15 -43.87 0.29
CA ALA B 130 36.09 -44.67 -0.38
C ALA B 130 35.33 -43.78 -1.35
N GLU B 131 34.00 -43.84 -1.31
CA GLU B 131 33.11 -42.97 -2.14
C GLU B 131 32.69 -41.77 -1.31
N LEU B 132 33.24 -41.64 -0.10
CA LEU B 132 33.00 -40.52 0.82
C LEU B 132 33.58 -39.26 0.19
N LYS B 133 34.72 -39.38 -0.50
CA LYS B 133 35.36 -38.25 -1.20
C LYS B 133 34.33 -37.57 -2.10
N ARG B 134 33.59 -38.34 -2.90
CA ARG B 134 32.52 -37.77 -3.75
C ARG B 134 31.50 -37.07 -2.87
N PHE B 135 30.87 -37.80 -1.95
CA PHE B 135 29.82 -37.26 -1.06
C PHE B 135 30.32 -36.01 -0.33
N ARG B 136 31.53 -36.07 0.21
CA ARG B 136 32.09 -34.90 0.88
C ARG B 136 32.27 -33.74 -0.09
N LYS B 137 32.60 -34.04 -1.34
CA LYS B 137 32.96 -32.98 -2.28
C LYS B 137 31.72 -32.36 -2.93
N GLU B 138 30.72 -33.18 -3.28
CA GLU B 138 29.57 -32.73 -4.05
C GLU B 138 28.29 -32.58 -3.23
N TYR B 139 28.28 -32.99 -1.96
CA TYR B 139 27.12 -32.78 -1.09
C TYR B 139 27.47 -31.99 0.16
N ILE B 140 28.28 -32.56 1.04
CA ILE B 140 28.56 -31.87 2.32
C ILE B 140 29.10 -30.46 2.13
N GLN B 141 30.12 -30.29 1.30
CA GLN B 141 30.77 -28.99 1.20
C GLN B 141 29.89 -27.96 0.54
N PRO B 142 29.26 -28.23 -0.60
CA PRO B 142 28.39 -27.20 -1.19
C PRO B 142 27.17 -26.92 -0.34
N VAL B 143 26.61 -27.92 0.37
CA VAL B 143 25.43 -27.66 1.19
C VAL B 143 25.80 -26.75 2.35
N GLN B 144 26.98 -26.96 2.92
CA GLN B 144 27.50 -26.14 4.04
C GLN B 144 27.79 -24.71 3.55
N LEU B 145 28.30 -24.58 2.34
CA LEU B 145 28.51 -23.22 1.80
C LEU B 145 27.16 -22.54 1.63
N ARG B 146 26.15 -23.28 1.18
CA ARG B 146 24.82 -22.68 1.05
C ARG B 146 24.30 -22.22 2.40
N VAL B 147 24.49 -23.03 3.44
CA VAL B 147 24.03 -22.62 4.76
C VAL B 147 24.71 -21.32 5.17
N LEU B 148 26.02 -21.23 4.96
CA LEU B 148 26.74 -20.01 5.34
C LEU B 148 26.26 -18.82 4.53
N ASN B 149 26.03 -19.02 3.23
CA ASN B 149 25.46 -17.96 2.41
C ASN B 149 24.10 -17.50 2.93
N VAL B 150 23.25 -18.44 3.38
CA VAL B 150 21.96 -18.03 3.91
C VAL B 150 22.16 -17.22 5.19
N CYS B 151 23.07 -17.66 6.08
CA CYS B 151 23.33 -16.87 7.28
C CYS B 151 23.82 -15.47 6.90
N ARG B 152 24.74 -15.39 5.93
CA ARG B 152 25.28 -14.10 5.52
C ARG B 152 24.19 -13.16 5.02
N HIS B 153 23.29 -13.67 4.17
CA HIS B 153 22.24 -12.79 3.65
C HIS B 153 21.26 -12.43 4.76
N TRP B 154 21.07 -13.34 5.73
CA TRP B 154 20.16 -13.10 6.84
C TRP B 154 20.66 -11.94 7.70
N VAL B 155 21.92 -12.01 8.08
CA VAL B 155 22.51 -11.00 8.93
C VAL B 155 22.70 -9.69 8.18
N GLU B 156 22.92 -9.75 6.87
CA GLU B 156 23.19 -8.54 6.09
C GLU B 156 21.93 -7.76 5.76
N HIS B 157 20.87 -8.45 5.31
CA HIS B 157 19.69 -7.73 4.85
C HIS B 157 18.48 -7.86 5.74
N HIS B 158 18.51 -8.71 6.77
CA HIS B 158 17.34 -8.87 7.64
C HIS B 158 17.76 -8.84 9.10
N PHE B 159 18.64 -7.90 9.45
CA PHE B 159 19.24 -7.90 10.78
C PHE B 159 18.23 -7.57 11.87
N TYR B 160 17.06 -7.02 11.51
CA TYR B 160 16.05 -6.67 12.51
C TYR B 160 15.60 -7.90 13.31
N ASP B 161 15.64 -9.10 12.71
CA ASP B 161 15.32 -10.31 13.48
C ASP B 161 16.23 -10.45 14.68
N PHE B 162 17.51 -10.13 14.50
CA PHE B 162 18.49 -10.24 15.56
C PHE B 162 18.38 -9.07 16.53
N GLU B 163 17.96 -7.88 16.05
CA GLU B 163 17.86 -6.76 16.98
C GLU B 163 16.69 -6.97 17.92
N ARG B 164 15.71 -7.75 17.51
CA ARG B 164 14.52 -7.93 18.32
C ARG B 164 14.55 -9.22 19.12
N ASP B 165 15.60 -10.02 18.98
CA ASP B 165 15.70 -11.27 19.72
C ASP B 165 17.19 -11.54 19.97
N ALA B 166 17.72 -10.97 21.06
CA ALA B 166 19.14 -11.10 21.35
C ALA B 166 19.56 -12.56 21.43
N TYR B 167 18.68 -13.42 21.92
CA TYR B 167 19.02 -14.83 22.01
C TYR B 167 19.24 -15.42 20.61
N LEU B 168 18.45 -14.97 19.63
CA LEU B 168 18.68 -15.41 18.26
C LEU B 168 20.09 -15.06 17.79
N LEU B 169 20.53 -13.84 18.11
CA LEU B 169 21.89 -13.46 17.75
C LEU B 169 22.94 -14.28 18.53
N GLN B 170 22.66 -14.60 19.81
CA GLN B 170 23.57 -15.44 20.58
C GLN B 170 23.73 -16.81 19.94
N ARG B 171 22.60 -17.40 19.54
CA ARG B 171 22.65 -18.72 18.91
C ARG B 171 23.42 -18.68 17.60
N MET B 172 23.23 -17.60 16.83
CA MET B 172 23.89 -17.48 15.52
C MET B 172 25.40 -17.34 15.69
N GLU B 173 25.83 -16.55 16.68
CA GLU B 173 27.25 -16.41 16.92
C GLU B 173 27.85 -17.72 17.42
N GLU B 174 27.11 -18.46 18.25
CA GLU B 174 27.60 -19.76 18.70
C GLU B 174 27.81 -20.66 17.52
N PHE B 175 26.78 -20.76 16.68
CA PHE B 175 26.85 -21.65 15.53
C PHE B 175 28.06 -21.30 14.67
N ILE B 176 28.19 -20.03 14.30
CA ILE B 176 29.34 -19.61 13.48
C ILE B 176 30.66 -19.98 14.15
N GLY B 177 30.74 -19.83 15.48
CA GLY B 177 31.96 -20.22 16.20
C GLY B 177 32.25 -21.71 16.15
N THR B 178 31.23 -22.55 16.09
CA THR B 178 31.52 -23.98 15.94
C THR B 178 32.00 -24.38 14.54
N VAL B 179 31.88 -23.52 13.53
CA VAL B 179 32.17 -23.94 12.16
C VAL B 179 33.69 -23.89 11.96
N ARG B 180 34.31 -25.05 11.86
CA ARG B 180 35.76 -25.17 11.79
C ARG B 180 36.09 -25.97 10.55
N GLY B 181 36.43 -25.27 9.47
CA GLY B 181 36.91 -25.92 8.26
C GLY B 181 37.71 -24.92 7.45
N LYS B 182 38.62 -25.44 6.62
CA LYS B 182 39.43 -24.53 5.80
C LYS B 182 38.63 -23.92 4.67
N ALA B 183 37.67 -24.67 4.11
CA ALA B 183 36.81 -24.16 3.04
C ALA B 183 35.87 -23.06 3.55
N MET B 184 35.42 -23.15 4.80
CA MET B 184 34.43 -22.17 5.27
C MET B 184 35.09 -20.99 6.00
N LYS B 185 36.42 -20.98 6.16
CA LYS B 185 37.07 -19.98 6.99
C LYS B 185 36.70 -18.55 6.59
N LYS B 186 36.82 -18.20 5.32
CA LYS B 186 36.59 -16.80 4.93
C LYS B 186 35.10 -16.44 4.85
N TRP B 187 34.20 -17.41 4.64
CA TRP B 187 32.76 -17.12 4.76
C TRP B 187 32.38 -16.89 6.22
N VAL B 188 32.92 -17.72 7.13
CA VAL B 188 32.72 -17.51 8.56
C VAL B 188 33.23 -16.14 8.98
N GLU B 189 34.42 -15.78 8.51
CA GLU B 189 35.00 -14.50 8.90
C GLU B 189 34.17 -13.35 8.36
N SER B 190 33.65 -13.49 7.12
CA SER B 190 32.87 -12.41 6.56
C SER B 190 31.54 -12.23 7.30
N ILE B 191 30.93 -13.35 7.72
CA ILE B 191 29.74 -13.27 8.53
C ILE B 191 30.02 -12.55 9.85
N THR B 192 31.13 -12.89 10.52
CA THR B 192 31.47 -12.22 11.77
C THR B 192 31.67 -10.72 11.57
N LYS B 193 32.34 -10.34 10.49
CA LYS B 193 32.55 -8.93 10.19
C LYS B 193 31.22 -8.20 10.05
N ILE B 194 30.31 -8.74 9.22
CA ILE B 194 28.96 -8.17 9.10
C ILE B 194 28.31 -8.05 10.47
N ILE B 195 28.29 -9.15 11.24
CA ILE B 195 27.57 -9.18 12.50
C ILE B 195 28.03 -8.05 13.40
N GLN B 196 29.36 -7.94 13.57
CA GLN B 196 29.94 -6.89 14.40
C GLN B 196 29.64 -5.49 13.84
N ARG B 197 29.66 -5.31 12.53
CA ARG B 197 29.28 -4.00 12.01
C ARG B 197 27.84 -3.65 12.37
N LYS B 198 26.93 -4.61 12.22
CA LYS B 198 25.49 -4.37 12.47
C LYS B 198 25.26 -3.95 13.92
N LYS B 199 26.07 -4.43 14.86
CA LYS B 199 25.91 -4.04 16.28
C LYS B 199 26.60 -2.70 16.54
N ILE B 200 26.07 -1.61 15.98
CA ILE B 200 26.64 -0.24 16.06
C ILE B 200 25.59 0.74 15.52
N PHE B 212 26.46 14.88 -5.47
CA PHE B 212 26.00 14.27 -6.74
C PHE B 212 27.04 14.52 -7.83
N GLN B 213 26.94 13.80 -8.95
CA GLN B 213 27.88 14.01 -10.08
C GLN B 213 27.67 15.43 -10.64
N SER B 214 26.42 15.88 -10.71
CA SER B 214 26.12 17.25 -11.22
C SER B 214 25.65 18.12 -10.07
N SER B 215 25.64 19.44 -10.24
CA SER B 215 25.20 20.25 -9.12
C SER B 215 23.70 20.53 -9.21
N PRO B 216 23.07 20.77 -8.07
CA PRO B 216 21.62 20.97 -8.03
C PRO B 216 21.26 22.37 -8.50
N PRO B 217 20.03 22.58 -8.96
CA PRO B 217 19.65 23.92 -9.43
C PRO B 217 19.61 24.92 -8.29
N THR B 218 19.59 26.19 -8.69
CA THR B 218 19.54 27.25 -7.70
C THR B 218 18.21 27.23 -6.98
N VAL B 219 18.22 27.45 -5.67
CA VAL B 219 16.99 27.52 -4.91
C VAL B 219 16.20 28.77 -5.29
N GLU B 220 14.87 28.64 -5.39
CA GLU B 220 14.01 29.73 -5.87
C GLU B 220 13.28 30.42 -4.72
N TRP B 221 13.10 31.74 -4.86
CA TRP B 221 12.48 32.59 -3.85
C TRP B 221 11.48 33.54 -4.50
N HIS B 222 10.39 33.81 -3.80
CA HIS B 222 9.36 34.68 -4.36
C HIS B 222 9.06 35.99 -3.65
N ILE B 223 8.11 35.98 -2.73
CA ILE B 223 7.90 37.09 -1.82
C ILE B 223 8.66 36.89 -0.51
N SER B 224 8.70 35.67 0.01
CA SER B 224 9.41 35.44 1.26
C SER B 224 10.91 35.44 0.98
N ARG B 225 11.65 36.08 1.86
CA ARG B 225 13.09 36.08 1.59
C ARG B 225 13.79 35.03 2.45
N PRO B 226 14.97 34.59 2.04
CA PRO B 226 15.71 33.61 2.84
C PRO B 226 15.80 34.01 4.31
N GLY B 227 15.50 33.06 5.20
CA GLY B 227 15.50 33.30 6.62
C GLY B 227 14.25 33.93 7.22
N HIS B 228 13.28 34.29 6.40
CA HIS B 228 12.05 34.95 6.92
C HIS B 228 10.93 33.92 7.01
N ILE B 229 11.07 32.96 7.92
CA ILE B 229 10.08 31.86 8.11
C ILE B 229 8.72 32.41 8.53
N GLU B 230 8.69 33.49 9.31
CA GLU B 230 7.44 34.11 9.80
C GLU B 230 6.53 34.41 8.61
N THR B 231 7.09 34.66 7.43
CA THR B 231 6.19 34.95 6.30
C THR B 231 5.97 33.77 5.36
N PHE B 232 6.61 32.61 5.58
CA PHE B 232 6.43 31.47 4.66
C PHE B 232 4.95 31.10 4.60
N ASP B 233 4.44 30.86 3.40
CA ASP B 233 3.04 30.48 3.20
C ASP B 233 2.90 30.01 1.75
N LEU B 234 1.71 29.48 1.44
CA LEU B 234 1.45 28.92 0.12
C LEU B 234 1.74 29.92 -1.00
N LEU B 235 1.31 31.16 -0.82
CA LEU B 235 1.47 32.15 -1.88
C LEU B 235 2.79 32.92 -1.82
N THR B 236 3.49 32.93 -0.68
CA THR B 236 4.70 33.73 -0.52
C THR B 236 5.98 32.97 -0.82
N LEU B 237 6.02 31.65 -0.59
CA LEU B 237 7.12 30.82 -1.06
C LEU B 237 7.03 30.64 -2.58
N HIS B 238 8.16 30.30 -3.18
CA HIS B 238 8.13 30.07 -4.63
C HIS B 238 7.49 28.72 -4.93
N PRO B 239 6.52 28.66 -5.85
CA PRO B 239 5.89 27.35 -6.14
C PRO B 239 6.86 26.26 -6.59
N ILE B 240 7.88 26.61 -7.39
CA ILE B 240 8.90 25.64 -7.75
C ILE B 240 9.54 25.06 -6.50
N GLU B 241 9.87 25.94 -5.54
CA GLU B 241 10.64 25.49 -4.39
C GLU B 241 9.77 24.69 -3.44
N ILE B 242 8.49 25.02 -3.38
CA ILE B 242 7.53 24.22 -2.64
C ILE B 242 7.54 22.80 -3.17
N ALA B 243 7.39 22.65 -4.50
CA ALA B 243 7.38 21.31 -5.09
C ALA B 243 8.70 20.60 -4.82
N ARG B 244 9.81 21.33 -4.86
CA ARG B 244 11.11 20.70 -4.70
C ARG B 244 11.30 20.18 -3.28
N GLN B 245 11.05 21.05 -2.29
CA GLN B 245 11.23 20.65 -0.89
C GLN B 245 10.20 19.59 -0.48
N LEU B 246 8.97 19.67 -1.02
CA LEU B 246 7.99 18.62 -0.73
C LEU B 246 8.44 17.30 -1.35
N THR B 247 9.06 17.37 -2.54
CA THR B 247 9.57 16.15 -3.15
C THR B 247 10.73 15.57 -2.35
N LEU B 248 11.59 16.40 -1.76
CA LEU B 248 12.70 15.88 -0.95
C LEU B 248 12.17 15.20 0.30
N LEU B 249 11.21 15.83 0.98
CA LEU B 249 10.60 15.22 2.15
C LEU B 249 9.92 13.91 1.79
N GLU B 250 9.15 13.91 0.72
CA GLU B 250 8.33 12.74 0.44
C GLU B 250 9.18 11.63 -0.13
N SER B 251 10.28 11.98 -0.81
CA SER B 251 11.20 10.94 -1.27
C SER B 251 11.93 10.30 -0.10
N ASP B 252 12.37 11.10 0.87
CA ASP B 252 12.94 10.50 2.08
C ASP B 252 11.91 9.59 2.77
N LEU B 253 10.66 10.06 2.89
CA LEU B 253 9.62 9.25 3.54
C LEU B 253 9.43 7.92 2.82
N TYR B 254 9.42 7.96 1.50
CA TYR B 254 9.26 6.73 0.68
C TYR B 254 10.45 5.80 0.84
N ARG B 255 11.67 6.34 0.80
CA ARG B 255 12.90 5.55 0.90
C ARG B 255 13.09 4.90 2.27
N ALA B 256 12.53 5.46 3.33
CA ALA B 256 12.73 4.83 4.63
C ALA B 256 11.82 3.62 4.90
N VAL B 257 10.85 3.30 4.03
CA VAL B 257 9.94 2.18 4.34
C VAL B 257 10.60 0.85 3.98
N GLN B 258 10.70 -0.04 4.95
CA GLN B 258 11.38 -1.32 4.78
C GLN B 258 10.35 -2.43 4.54
N PRO B 259 10.77 -3.55 3.96
CA PRO B 259 9.82 -4.66 3.80
C PRO B 259 9.27 -5.19 5.12
N SER B 260 10.01 -5.10 6.24
CA SER B 260 9.52 -5.61 7.53
C SER B 260 8.24 -4.90 7.97
N GLU B 261 8.04 -3.64 7.56
CA GLU B 261 6.78 -2.95 7.82
C GLU B 261 5.63 -3.35 6.92
N LEU B 262 5.82 -4.30 6.00
CA LEU B 262 4.87 -4.54 4.92
C LEU B 262 4.43 -6.00 4.83
N VAL B 263 5.37 -6.94 4.92
CA VAL B 263 5.02 -8.36 4.78
C VAL B 263 4.16 -8.75 5.98
N GLY B 264 3.21 -9.66 5.75
CA GLY B 264 2.29 -9.95 6.81
C GLY B 264 1.19 -8.92 6.99
N SER B 265 1.12 -7.93 6.10
CA SER B 265 0.11 -6.85 6.17
C SER B 265 0.09 -6.25 7.57
N VAL B 266 1.26 -6.11 8.18
CA VAL B 266 1.35 -5.63 9.58
C VAL B 266 0.80 -4.22 9.75
N TRP B 267 0.95 -3.36 8.75
CA TRP B 267 0.43 -1.97 8.84
C TRP B 267 -1.08 -1.94 9.03
N THR B 268 -1.79 -3.04 8.85
CA THR B 268 -3.25 -3.00 9.04
C THR B 268 -3.69 -3.62 10.37
N LYS B 269 -2.77 -4.13 11.17
CA LYS B 269 -3.12 -4.85 12.40
C LYS B 269 -2.94 -3.99 13.64
N GLU B 270 -3.30 -4.57 14.78
CA GLU B 270 -3.45 -3.72 15.95
C GLU B 270 -2.12 -3.14 16.39
N ASP B 271 -1.01 -3.79 16.01
CA ASP B 271 0.33 -3.34 16.38
C ASP B 271 1.03 -2.55 15.28
N LYS B 272 0.27 -1.92 14.38
CA LYS B 272 0.84 -1.18 13.27
C LYS B 272 1.77 -0.04 13.71
N GLU B 273 1.37 0.74 14.73
CA GLU B 273 2.23 1.82 15.23
C GLU B 273 3.62 1.31 15.61
N ILE B 274 3.71 0.06 16.08
CA ILE B 274 4.97 -0.56 16.42
C ILE B 274 5.67 -1.15 15.19
N ASN B 275 4.96 -1.82 14.29
CA ASN B 275 5.67 -2.53 13.23
C ASN B 275 5.81 -1.73 11.95
N SER B 276 5.08 -0.62 11.78
CA SER B 276 5.10 0.07 10.49
C SER B 276 5.25 1.59 10.65
N PRO B 277 6.16 2.06 11.51
CA PRO B 277 6.18 3.49 11.86
C PRO B 277 6.60 4.40 10.72
N ASN B 278 7.50 3.97 9.83
CA ASN B 278 7.92 4.83 8.72
C ASN B 278 6.85 4.89 7.64
N LEU B 279 6.23 3.75 7.34
CA LEU B 279 5.09 3.75 6.44
C LEU B 279 4.01 4.71 6.96
N LEU B 280 3.69 4.63 8.25
CA LEU B 280 2.62 5.46 8.78
C LEU B 280 3.04 6.93 8.78
N LYS B 281 4.30 7.20 9.08
CA LYS B 281 4.73 8.59 9.03
C LYS B 281 4.59 9.13 7.61
N MET B 282 4.86 8.28 6.60
CA MET B 282 4.79 8.71 5.20
C MET B 282 3.35 9.03 4.82
N ILE B 283 2.44 8.08 5.11
CA ILE B 283 1.01 8.29 4.83
C ILE B 283 0.50 9.54 5.54
N ARG B 284 0.84 9.72 6.80
CA ARG B 284 0.31 10.88 7.53
C ARG B 284 0.87 12.19 6.98
N HIS B 285 2.11 12.18 6.44
CA HIS B 285 2.59 13.38 5.75
C HIS B 285 1.69 13.70 4.55
N THR B 286 1.42 12.68 3.73
CA THR B 286 0.58 12.88 2.55
C THR B 286 -0.80 13.42 2.93
N THR B 287 -1.45 12.79 3.92
CA THR B 287 -2.76 13.24 4.39
C THR B 287 -2.72 14.68 4.84
N ASN B 288 -1.67 15.02 5.58
CA ASN B 288 -1.51 16.37 6.05
C ASN B 288 -1.45 17.38 4.91
N LEU B 289 -0.71 17.04 3.84
CA LEU B 289 -0.54 18.02 2.77
C LEU B 289 -1.84 18.18 2.01
N THR B 290 -2.55 17.08 1.76
CA THR B 290 -3.88 17.19 1.17
C THR B 290 -4.77 18.13 2.00
N LEU B 291 -4.79 17.94 3.32
CA LEU B 291 -5.67 18.77 4.15
C LEU B 291 -5.19 20.22 4.22
N TRP B 292 -3.88 20.44 4.19
CA TRP B 292 -3.41 21.83 4.14
C TRP B 292 -3.84 22.50 2.84
N PHE B 293 -3.77 21.78 1.72
CA PHE B 293 -4.25 22.34 0.44
C PHE B 293 -5.71 22.74 0.54
N GLU B 294 -6.55 21.84 1.06
CA GLU B 294 -7.97 22.15 1.16
C GLU B 294 -8.18 23.36 2.05
N LYS B 295 -7.52 23.36 3.21
CA LYS B 295 -7.67 24.45 4.16
C LYS B 295 -7.30 25.79 3.51
N CYS B 296 -6.15 25.83 2.80
CA CYS B 296 -5.73 27.07 2.13
C CYS B 296 -6.80 27.55 1.16
N ILE B 297 -7.45 26.60 0.48
CA ILE B 297 -8.48 26.98 -0.49
C ILE B 297 -9.70 27.56 0.22
N VAL B 298 -10.37 26.76 1.06
CA VAL B 298 -11.65 27.22 1.63
C VAL B 298 -11.50 28.34 2.67
N GLU B 299 -10.34 28.51 3.31
CA GLU B 299 -10.19 29.66 4.23
C GLU B 299 -9.82 30.95 3.51
N THR B 300 -9.52 30.90 2.23
CA THR B 300 -9.44 32.10 1.40
C THR B 300 -10.84 32.39 0.90
N GLU B 301 -11.55 33.31 1.56
CA GLU B 301 -12.97 33.52 1.32
C GLU B 301 -13.24 34.45 0.14
N ASN B 302 -12.39 35.44 -0.07
CA ASN B 302 -12.52 36.26 -1.27
C ASN B 302 -12.25 35.44 -2.53
N LEU B 303 -13.18 35.51 -3.50
CA LEU B 303 -13.16 34.67 -4.71
C LEU B 303 -11.87 34.86 -5.53
N GLU B 304 -11.53 36.09 -5.87
CA GLU B 304 -10.31 36.35 -6.64
C GLU B 304 -9.09 35.74 -5.96
N GLU B 305 -8.98 35.92 -4.64
CA GLU B 305 -7.81 35.40 -3.97
C GLU B 305 -7.81 33.88 -4.00
N ARG B 306 -9.01 33.30 -3.88
CA ARG B 306 -9.14 31.84 -3.82
C ARG B 306 -8.76 31.24 -5.17
N VAL B 307 -9.07 31.96 -6.25
CA VAL B 307 -8.67 31.54 -7.59
C VAL B 307 -7.15 31.54 -7.70
N ALA B 308 -6.52 32.59 -7.16
CA ALA B 308 -5.07 32.62 -7.04
C ALA B 308 -4.52 31.41 -6.25
N VAL B 309 -5.15 31.07 -5.12
CA VAL B 309 -4.69 29.91 -4.33
C VAL B 309 -4.80 28.62 -5.14
N VAL B 310 -5.96 28.39 -5.79
CA VAL B 310 -6.13 27.15 -6.57
C VAL B 310 -5.15 27.10 -7.73
N SER B 311 -4.93 28.24 -8.39
CA SER B 311 -4.02 28.28 -9.51
C SER B 311 -2.57 28.00 -9.08
N ARG B 312 -2.20 28.52 -7.91
CA ARG B 312 -0.85 28.27 -7.39
C ARG B 312 -0.71 26.79 -7.03
N ILE B 313 -1.76 26.16 -6.53
CA ILE B 313 -1.70 24.73 -6.21
C ILE B 313 -1.58 23.88 -7.48
N ILE B 314 -2.28 24.27 -8.55
CA ILE B 314 -2.07 23.57 -9.81
C ILE B 314 -0.62 23.77 -10.32
N GLU B 315 -0.02 24.92 -10.05
CA GLU B 315 1.36 25.16 -10.50
C GLU B 315 2.31 24.22 -9.75
N ILE B 316 2.04 23.98 -8.47
CA ILE B 316 2.85 23.07 -7.69
C ILE B 316 2.66 21.65 -8.23
N LEU B 317 1.43 21.28 -8.58
CA LEU B 317 1.18 19.98 -9.21
C LEU B 317 2.01 19.83 -10.50
N GLN B 318 2.04 20.88 -11.31
CA GLN B 318 2.83 20.83 -12.56
C GLN B 318 4.30 20.49 -12.27
N VAL B 319 4.88 21.17 -11.29
CA VAL B 319 6.26 20.85 -10.97
C VAL B 319 6.38 19.46 -10.33
N PHE B 320 5.36 19.00 -9.57
CA PHE B 320 5.36 17.61 -9.08
C PHE B 320 5.47 16.65 -10.26
N GLN B 321 4.68 16.89 -11.31
CA GLN B 321 4.71 16.06 -12.51
C GLN B 321 6.11 16.06 -13.13
N GLU B 322 6.73 17.24 -13.25
CA GLU B 322 8.07 17.32 -13.82
C GLU B 322 9.08 16.56 -12.98
N LEU B 323 8.87 16.50 -11.67
CA LEU B 323 9.79 15.76 -10.83
C LEU B 323 9.45 14.28 -10.71
N ASN B 324 8.41 13.79 -11.38
CA ASN B 324 7.93 12.42 -11.13
C ASN B 324 7.64 12.15 -9.65
N ASN B 325 7.15 13.16 -8.90
CA ASN B 325 6.66 12.93 -7.54
C ASN B 325 5.16 12.63 -7.61
N PHE B 326 4.82 11.34 -7.76
CA PHE B 326 3.43 10.96 -7.91
C PHE B 326 2.67 11.00 -6.59
N ASN B 327 3.36 10.74 -5.49
CA ASN B 327 2.78 11.06 -4.19
C ASN B 327 2.36 12.53 -4.10
N GLY B 328 3.22 13.47 -4.52
CA GLY B 328 2.77 14.87 -4.57
C GLY B 328 1.60 15.10 -5.52
N VAL B 329 1.67 14.51 -6.73
CA VAL B 329 0.57 14.67 -7.69
C VAL B 329 -0.76 14.27 -7.03
N LEU B 330 -0.77 13.10 -6.39
CA LEU B 330 -1.99 12.55 -5.81
C LEU B 330 -2.43 13.30 -4.54
N GLU B 331 -1.52 13.92 -3.79
CA GLU B 331 -1.91 14.88 -2.75
C GLU B 331 -2.75 16.01 -3.31
N VAL B 332 -2.30 16.57 -4.42
CA VAL B 332 -3.09 17.63 -5.04
C VAL B 332 -4.40 17.08 -5.58
N VAL B 333 -4.34 15.96 -6.29
CA VAL B 333 -5.56 15.40 -6.88
C VAL B 333 -6.58 15.09 -5.77
N SER B 334 -6.13 14.51 -4.65
CA SER B 334 -7.09 14.21 -3.58
C SER B 334 -7.69 15.49 -3.03
N ALA B 335 -6.89 16.57 -2.93
CA ALA B 335 -7.46 17.83 -2.45
C ALA B 335 -8.55 18.33 -3.39
N MET B 336 -8.26 18.35 -4.69
CA MET B 336 -9.24 18.81 -5.68
C MET B 336 -10.49 17.92 -5.73
N ASN B 337 -10.39 16.66 -5.30
CA ASN B 337 -11.55 15.77 -5.30
C ASN B 337 -12.34 15.81 -3.99
N SER B 338 -11.85 16.50 -2.96
CA SER B 338 -12.53 16.49 -1.68
C SER B 338 -13.84 17.26 -1.77
N SER B 339 -14.82 16.83 -0.98
CA SER B 339 -16.09 17.54 -0.90
C SER B 339 -15.98 19.06 -0.75
N PRO B 340 -15.16 19.61 0.15
CA PRO B 340 -15.14 21.08 0.31
C PRO B 340 -14.66 21.83 -0.92
N VAL B 341 -13.74 21.26 -1.69
CA VAL B 341 -13.13 21.97 -2.81
C VAL B 341 -13.87 21.68 -4.12
N TYR B 342 -14.28 20.42 -4.33
CA TYR B 342 -14.82 20.02 -5.63
C TYR B 342 -16.05 20.83 -6.04
N ARG B 343 -16.87 21.22 -5.07
CA ARG B 343 -18.09 21.97 -5.33
C ARG B 343 -17.86 23.46 -5.64
N LEU B 344 -16.63 23.97 -5.58
CA LEU B 344 -16.43 25.42 -5.70
C LEU B 344 -16.45 25.83 -7.19
N ASP B 345 -17.66 25.76 -7.76
CA ASP B 345 -17.85 26.03 -9.18
C ASP B 345 -17.39 27.44 -9.56
N HIS B 346 -17.62 28.43 -8.68
CA HIS B 346 -17.21 29.77 -9.06
C HIS B 346 -15.70 29.91 -9.16
N THR B 347 -14.97 29.09 -8.42
CA THR B 347 -13.52 29.18 -8.42
C THR B 347 -12.93 28.52 -9.65
N PHE B 348 -13.40 27.30 -9.94
CA PHE B 348 -12.89 26.60 -11.09
C PHE B 348 -13.27 27.31 -12.37
N GLU B 349 -14.38 28.06 -12.36
CA GLU B 349 -14.78 28.84 -13.53
C GLU B 349 -13.67 29.79 -13.99
N GLN B 350 -12.92 30.38 -13.06
N GLN B 350 -12.92 30.39 -13.05
CA GLN B 350 -11.91 31.38 -13.37
CA GLN B 350 -11.90 31.38 -13.38
C GLN B 350 -10.51 30.80 -13.49
C GLN B 350 -10.50 30.79 -13.51
N ILE B 351 -10.36 29.48 -13.41
CA ILE B 351 -9.07 28.81 -13.59
C ILE B 351 -8.73 28.78 -15.07
N PRO B 352 -7.60 29.32 -15.50
CA PRO B 352 -7.30 29.35 -16.94
C PRO B 352 -7.26 27.95 -17.52
N SER B 353 -7.69 27.84 -18.78
CA SER B 353 -7.93 26.51 -19.35
C SER B 353 -6.68 25.66 -19.34
N ARG B 354 -5.50 26.28 -19.47
CA ARG B 354 -4.29 25.48 -19.51
C ARG B 354 -4.08 24.73 -18.20
N GLN B 355 -4.23 25.45 -17.08
CA GLN B 355 -4.18 24.81 -15.76
C GLN B 355 -5.34 23.84 -15.56
N LYS B 356 -6.51 24.08 -16.16
CA LYS B 356 -7.54 23.06 -16.08
C LYS B 356 -7.06 21.77 -16.71
N LYS B 357 -6.37 21.87 -17.88
CA LYS B 357 -5.90 20.65 -18.56
C LYS B 357 -4.81 19.98 -17.75
N ILE B 358 -4.00 20.76 -17.05
CA ILE B 358 -2.95 20.18 -16.22
C ILE B 358 -3.55 19.36 -15.09
N LEU B 359 -4.54 19.94 -14.43
CA LEU B 359 -5.22 19.22 -13.37
C LEU B 359 -5.95 18.01 -13.94
N GLU B 360 -6.59 18.19 -15.10
CA GLU B 360 -7.33 17.10 -15.73
C GLU B 360 -6.44 15.90 -16.01
N GLU B 361 -5.28 16.14 -16.63
CA GLU B 361 -4.32 15.05 -16.85
C GLU B 361 -3.95 14.33 -15.53
N ALA B 362 -3.61 15.12 -14.49
CA ALA B 362 -3.27 14.53 -13.20
C ALA B 362 -4.43 13.68 -12.65
N HIS B 363 -5.65 14.23 -12.60
CA HIS B 363 -6.79 13.49 -12.09
C HIS B 363 -7.00 12.20 -12.88
N GLU B 364 -6.91 12.27 -14.20
CA GLU B 364 -7.12 11.08 -15.02
C GLU B 364 -6.12 9.97 -14.71
N LEU B 365 -4.96 10.30 -14.14
CA LEU B 365 -4.07 9.22 -13.68
C LEU B 365 -4.79 8.26 -12.71
N SER B 366 -5.72 8.76 -11.88
CA SER B 366 -6.35 7.94 -10.83
C SER B 366 -7.53 7.14 -11.37
N GLU B 367 -8.11 7.56 -12.49
CA GLU B 367 -9.27 6.87 -13.05
C GLU B 367 -8.92 5.44 -13.51
N ASP B 368 -9.98 4.62 -13.46
CA ASP B 368 -9.95 3.24 -13.91
C ASP B 368 -8.94 2.41 -13.10
N HIS B 369 -9.04 2.52 -11.77
CA HIS B 369 -8.14 1.80 -10.87
C HIS B 369 -6.68 2.14 -11.20
N TYR B 370 -6.39 3.43 -11.41
CA TYR B 370 -5.02 3.91 -11.64
C TYR B 370 -4.40 3.42 -12.95
N LYS B 371 -5.21 3.17 -13.99
CA LYS B 371 -4.64 2.60 -15.21
C LYS B 371 -3.51 3.48 -15.80
N LYS B 372 -3.79 4.76 -15.99
CA LYS B 372 -2.77 5.63 -16.56
C LYS B 372 -1.62 5.88 -15.59
N TYR B 373 -1.87 5.91 -14.28
CA TYR B 373 -0.75 6.04 -13.37
C TYR B 373 0.19 4.84 -13.49
N LEU B 374 -0.38 3.63 -13.53
CA LEU B 374 0.43 2.41 -13.60
C LEU B 374 1.30 2.39 -14.87
N ALA B 375 0.72 2.78 -16.03
CA ALA B 375 1.54 2.86 -17.24
C ALA B 375 2.61 3.94 -17.12
N LYS B 376 2.22 5.15 -16.67
CA LYS B 376 3.20 6.22 -16.60
C LYS B 376 4.40 5.83 -15.73
N LEU B 377 4.13 5.23 -14.55
CA LEU B 377 5.21 4.81 -13.65
C LEU B 377 6.10 3.76 -14.29
N ARG B 378 5.50 2.75 -14.96
CA ARG B 378 6.32 1.77 -15.68
C ARG B 378 7.24 2.44 -16.70
N SER B 379 6.83 3.56 -17.26
CA SER B 379 7.64 4.12 -18.34
C SER B 379 8.70 5.10 -17.87
N ILE B 380 8.64 5.60 -16.64
CA ILE B 380 9.55 6.69 -16.30
C ILE B 380 10.82 6.08 -15.73
N ASN B 381 11.89 6.86 -15.73
CA ASN B 381 13.03 6.33 -15.00
C ASN B 381 13.39 7.23 -13.80
N PRO B 382 13.96 6.64 -12.76
CA PRO B 382 14.28 7.39 -11.51
C PRO B 382 15.01 8.70 -11.79
N PRO B 383 15.04 9.60 -10.81
CA PRO B 383 14.36 9.35 -9.54
C PRO B 383 12.88 9.67 -9.62
N CYS B 384 12.04 8.97 -8.85
CA CYS B 384 10.64 9.34 -8.71
C CYS B 384 10.20 9.05 -7.28
N VAL B 385 8.96 9.41 -6.98
CA VAL B 385 8.32 9.04 -5.71
C VAL B 385 6.98 8.40 -6.07
N PRO B 386 6.90 7.08 -6.11
CA PRO B 386 5.61 6.42 -6.35
C PRO B 386 4.60 6.68 -5.26
N PHE B 387 3.33 6.57 -5.67
CA PHE B 387 2.22 6.51 -4.74
C PHE B 387 2.20 5.11 -4.09
N PHE B 388 2.27 5.07 -2.78
CA PHE B 388 2.39 3.79 -2.06
C PHE B 388 1.06 3.01 -1.96
N GLY B 389 -0.10 3.69 -2.02
CA GLY B 389 -1.35 3.03 -1.68
C GLY B 389 -1.62 1.78 -2.51
N ILE B 390 -1.24 1.78 -3.79
CA ILE B 390 -1.48 0.63 -4.62
C ILE B 390 -0.68 -0.57 -4.14
N TYR B 391 0.61 -0.34 -3.80
CA TYR B 391 1.40 -1.42 -3.23
C TYR B 391 0.71 -2.04 -2.03
N LEU B 392 0.18 -1.20 -1.14
CA LEU B 392 -0.40 -1.71 0.10
C LEU B 392 -1.64 -2.54 -0.21
N THR B 393 -2.51 -2.02 -1.09
CA THR B 393 -3.68 -2.81 -1.46
C THR B 393 -3.24 -4.15 -2.08
N ASN B 394 -2.22 -4.15 -2.95
CA ASN B 394 -1.88 -5.39 -3.61
C ASN B 394 -1.24 -6.40 -2.65
N ILE B 395 -0.46 -5.93 -1.69
CA ILE B 395 0.15 -6.87 -0.75
C ILE B 395 -0.93 -7.45 0.14
N LEU B 396 -1.84 -6.59 0.58
CA LEU B 396 -2.92 -7.04 1.46
C LEU B 396 -3.76 -8.10 0.77
N LYS B 397 -4.16 -7.86 -0.49
CA LYS B 397 -5.08 -8.77 -1.16
C LYS B 397 -4.36 -10.04 -1.62
N THR B 398 -3.07 -9.95 -1.89
CA THR B 398 -2.31 -11.15 -2.17
C THR B 398 -2.22 -12.02 -0.93
N GLU B 399 -1.97 -11.41 0.22
CA GLU B 399 -1.89 -12.24 1.43
C GLU B 399 -3.24 -12.78 1.85
N GLU B 400 -4.29 -11.96 1.74
CA GLU B 400 -5.60 -12.41 2.20
C GLU B 400 -6.33 -13.27 1.18
N GLY B 401 -6.02 -13.12 -0.11
CA GLY B 401 -6.73 -13.83 -1.15
C GLY B 401 -6.10 -15.12 -1.63
N ASN B 402 -5.13 -15.68 -0.90
CA ASN B 402 -4.48 -16.94 -1.26
C ASN B 402 -4.26 -17.79 -0.02
N PRO B 403 -4.34 -19.11 -0.14
CA PRO B 403 -4.24 -19.94 1.05
C PRO B 403 -2.81 -20.01 1.54
N GLU B 404 -2.66 -20.00 2.86
CA GLU B 404 -1.35 -20.22 3.48
C GLU B 404 -0.78 -21.59 3.12
N VAL B 405 -1.63 -22.55 2.83
CA VAL B 405 -1.25 -23.94 2.75
C VAL B 405 -2.03 -24.59 1.61
N LEU B 406 -1.34 -25.44 0.83
CA LEU B 406 -2.01 -26.32 -0.12
C LEU B 406 -1.96 -27.74 0.43
N LYS B 407 -2.87 -28.58 -0.01
CA LYS B 407 -2.92 -29.96 0.45
C LYS B 407 -2.75 -30.89 -0.74
N ARG B 408 -1.86 -31.87 -0.60
CA ARG B 408 -1.63 -32.88 -1.63
C ARG B 408 -1.62 -34.24 -0.95
N HIS B 409 -2.41 -35.17 -1.45
CA HIS B 409 -2.48 -36.50 -0.83
C HIS B 409 -2.63 -36.41 0.68
N GLY B 410 -3.44 -35.47 1.16
CA GLY B 410 -3.67 -35.34 2.59
C GLY B 410 -2.59 -34.65 3.37
N LYS B 411 -1.48 -34.28 2.73
CA LYS B 411 -0.32 -33.65 3.36
C LYS B 411 -0.36 -32.14 3.16
N GLU B 412 0.03 -31.41 4.18
CA GLU B 412 0.02 -29.96 4.15
C GLU B 412 1.36 -29.44 3.59
N LEU B 413 1.30 -28.47 2.64
CA LEU B 413 2.49 -27.86 2.04
C LEU B 413 2.40 -26.34 2.15
N ILE B 414 3.51 -25.69 2.54
CA ILE B 414 3.54 -24.23 2.60
C ILE B 414 3.31 -23.69 1.19
N ASN B 415 2.37 -22.78 1.04
CA ASN B 415 2.10 -22.15 -0.26
C ASN B 415 3.15 -21.10 -0.48
N PHE B 416 4.21 -21.41 -1.22
CA PHE B 416 5.29 -20.45 -1.33
C PHE B 416 5.07 -19.41 -2.41
N SER B 417 4.35 -19.74 -3.48
CA SER B 417 4.20 -18.81 -4.60
C SER B 417 3.43 -17.55 -4.20
N LYS B 418 2.56 -17.64 -3.20
CA LYS B 418 1.95 -16.44 -2.63
C LYS B 418 2.99 -15.52 -2.00
N ARG B 419 3.98 -16.11 -1.29
CA ARG B 419 5.08 -15.33 -0.72
C ARG B 419 5.95 -14.73 -1.82
N ARG B 420 6.16 -15.49 -2.89
CA ARG B 420 6.94 -14.98 -4.03
C ARG B 420 6.24 -13.74 -4.59
N LYS B 421 4.90 -13.76 -4.69
CA LYS B 421 4.15 -12.62 -5.24
C LYS B 421 4.31 -11.36 -4.38
N VAL B 422 4.13 -11.53 -3.05
CA VAL B 422 4.41 -10.44 -2.12
C VAL B 422 5.85 -9.91 -2.28
N ALA B 423 6.85 -10.81 -2.41
CA ALA B 423 8.25 -10.37 -2.53
C ALA B 423 8.52 -9.66 -3.86
N GLU B 424 7.76 -9.98 -4.91
CA GLU B 424 7.81 -9.21 -6.14
C GLU B 424 7.38 -7.77 -5.90
N ILE B 425 6.31 -7.59 -5.11
CA ILE B 425 5.83 -6.23 -4.83
C ILE B 425 6.85 -5.45 -4.00
N THR B 426 7.41 -6.10 -2.96
CA THR B 426 8.38 -5.36 -2.14
C THR B 426 9.63 -5.06 -2.95
N GLY B 427 9.96 -5.91 -3.92
CA GLY B 427 11.09 -5.63 -4.77
C GLY B 427 10.84 -4.45 -5.70
N GLU B 428 9.65 -4.37 -6.29
CA GLU B 428 9.34 -3.18 -7.06
C GLU B 428 9.53 -1.91 -6.22
N ILE B 429 9.12 -1.93 -4.94
CA ILE B 429 9.28 -0.75 -4.07
C ILE B 429 10.75 -0.42 -3.87
N GLN B 430 11.53 -1.45 -3.52
CA GLN B 430 12.95 -1.21 -3.34
C GLN B 430 13.59 -0.63 -4.59
N GLN B 431 13.16 -1.06 -5.77
CA GLN B 431 13.85 -0.59 -6.97
C GLN B 431 13.74 0.92 -7.13
N TYR B 432 12.62 1.53 -6.71
CA TYR B 432 12.51 2.98 -6.71
C TYR B 432 13.09 3.62 -5.46
N GLN B 433 13.51 2.85 -4.50
CA GLN B 433 14.14 3.58 -3.40
C GLN B 433 15.61 3.91 -3.65
N ASN B 434 16.20 3.45 -4.77
CA ASN B 434 17.66 3.48 -4.92
C ASN B 434 18.19 4.86 -5.29
N GLN B 435 17.52 5.56 -6.24
CA GLN B 435 18.06 6.78 -6.83
C GLN B 435 17.56 8.02 -6.11
N PRO B 436 18.44 8.89 -5.61
CA PRO B 436 17.99 10.14 -4.97
C PRO B 436 17.82 11.27 -5.97
N TYR B 437 17.25 12.38 -5.49
CA TYR B 437 17.02 13.55 -6.32
C TYR B 437 18.21 14.50 -6.28
N CYS B 438 18.55 15.05 -7.44
CA CYS B 438 19.59 16.07 -7.50
C CYS B 438 18.95 17.43 -7.20
N LEU B 439 18.66 17.65 -5.92
CA LEU B 439 18.04 18.88 -5.47
C LEU B 439 18.58 19.25 -4.10
N ARG B 440 18.77 20.55 -3.85
CA ARG B 440 19.30 21.00 -2.58
C ARG B 440 18.18 21.22 -1.56
N VAL B 441 18.42 20.75 -0.33
CA VAL B 441 17.55 21.06 0.80
C VAL B 441 17.66 22.53 1.17
N GLU B 442 16.51 23.15 1.48
CA GLU B 442 16.47 24.42 2.18
C GLU B 442 15.92 24.11 3.58
N SER B 443 16.78 24.16 4.61
CA SER B 443 16.39 23.72 5.95
C SER B 443 15.12 24.40 6.47
N ASP B 444 14.89 25.68 6.14
CA ASP B 444 13.76 26.41 6.73
C ASP B 444 12.45 26.06 6.05
N ILE B 445 12.48 25.91 4.73
CA ILE B 445 11.31 25.45 3.99
C ILE B 445 10.97 24.02 4.39
N LYS B 446 11.99 23.17 4.44
CA LYS B 446 11.79 21.80 4.87
C LYS B 446 11.12 21.76 6.23
N ARG B 447 11.69 22.50 7.20
CA ARG B 447 11.11 22.58 8.54
C ARG B 447 9.67 23.10 8.51
N PHE B 448 9.40 24.16 7.75
CA PHE B 448 8.04 24.67 7.65
C PHE B 448 7.06 23.55 7.20
N PHE B 449 7.47 22.69 6.25
CA PHE B 449 6.52 21.67 5.76
C PHE B 449 6.44 20.44 6.65
N GLU B 450 7.54 20.11 7.33
CA GLU B 450 7.51 19.09 8.36
C GLU B 450 6.54 19.41 9.50
N ASN B 451 6.30 20.70 9.80
CA ASN B 451 5.49 21.10 10.95
C ASN B 451 4.12 21.69 10.56
N LEU B 452 3.71 21.56 9.30
CA LEU B 452 2.33 21.89 8.94
C LEU B 452 1.39 21.07 9.81
N ASN B 453 0.49 21.71 10.50
CA ASN B 453 -0.49 20.99 11.29
C ASN B 453 -1.87 21.58 11.04
N PRO B 454 -2.42 21.39 9.83
CA PRO B 454 -3.71 22.03 9.50
C PRO B 454 -4.87 21.60 10.39
N MET B 455 -4.89 20.35 10.85
CA MET B 455 -5.95 19.92 11.76
C MET B 455 -5.83 20.59 13.14
N GLY B 456 -4.62 21.00 13.54
CA GLY B 456 -4.47 21.54 14.89
C GLY B 456 -4.82 20.50 15.94
N ASN B 457 -5.63 20.87 16.93
CA ASN B 457 -6.04 19.95 17.98
C ASN B 457 -7.36 19.23 17.69
N SER B 458 -8.04 19.58 16.59
CA SER B 458 -9.32 18.97 16.29
C SER B 458 -9.16 17.52 15.86
N MET B 459 -10.21 16.74 16.08
CA MET B 459 -10.41 15.40 15.56
C MET B 459 -10.79 15.49 14.08
N GLU B 460 -10.58 14.37 13.37
CA GLU B 460 -10.78 14.34 11.93
C GLU B 460 -12.17 14.84 11.52
N LYS B 461 -13.22 14.28 12.13
CA LYS B 461 -14.60 14.58 11.73
C LYS B 461 -14.93 16.07 11.93
N GLU B 462 -14.69 16.57 13.15
CA GLU B 462 -14.84 17.98 13.43
C GLU B 462 -14.11 18.87 12.42
N PHE B 463 -12.86 18.52 12.06
CA PHE B 463 -12.10 19.35 11.14
C PHE B 463 -12.64 19.28 9.70
N THR B 464 -13.05 18.07 9.24
CA THR B 464 -13.49 18.01 7.84
C THR B 464 -14.89 18.60 7.72
N ASP B 465 -15.69 18.51 8.79
CA ASP B 465 -16.95 19.24 8.86
C ASP B 465 -16.72 20.73 8.84
N TYR B 466 -15.70 21.21 9.53
CA TYR B 466 -15.38 22.63 9.43
C TYR B 466 -14.97 23.03 8.00
N LEU B 467 -14.16 22.21 7.32
CA LEU B 467 -13.82 22.57 5.93
C LEU B 467 -15.07 22.62 5.05
N PHE B 468 -15.96 21.63 5.22
CA PHE B 468 -17.16 21.59 4.41
C PHE B 468 -18.07 22.79 4.69
N ASN B 469 -18.23 23.16 5.97
CA ASN B 469 -19.01 24.33 6.30
C ASN B 469 -18.36 25.62 5.78
N LYS B 470 -17.02 25.72 5.80
CA LYS B 470 -16.38 26.86 5.15
C LYS B 470 -16.71 26.92 3.66
N SER B 471 -16.66 25.77 2.99
CA SER B 471 -16.99 25.72 1.58
C SER B 471 -18.39 26.29 1.32
N LEU B 472 -19.38 25.79 2.10
CA LEU B 472 -20.76 26.26 2.00
C LEU B 472 -20.90 27.75 2.28
N GLU B 473 -20.07 28.30 3.18
CA GLU B 473 -20.16 29.72 3.48
C GLU B 473 -19.63 30.54 2.30
N ILE B 474 -18.47 30.16 1.75
CA ILE B 474 -17.87 31.02 0.73
C ILE B 474 -18.58 30.88 -0.61
N GLU B 475 -19.24 29.75 -0.87
CA GLU B 475 -20.01 29.54 -2.09
C GLU B 475 -21.28 28.77 -1.77
N PRO B 476 -22.29 29.47 -1.26
CA PRO B 476 -23.53 28.80 -0.86
C PRO B 476 -24.23 28.08 -1.99
N ARG B 477 -24.98 27.03 -1.59
CA ARG B 477 -25.81 26.25 -2.51
C ARG B 477 -26.78 27.15 -3.25
N ASN B 478 -26.87 26.97 -4.55
CA ASN B 478 -27.94 27.66 -5.23
C ASN B 478 -29.27 27.34 -4.55
N PRO B 479 -30.20 28.31 -4.47
CA PRO B 479 -30.33 29.64 -5.11
C PRO B 479 -29.96 30.81 -4.15
N LYS B 480 -29.33 30.51 -3.03
CA LYS B 480 -28.72 31.55 -2.20
C LYS B 480 -27.74 32.40 -3.04
N PRO B 481 -27.81 33.73 -3.00
CA PRO B 481 -26.85 34.47 -3.85
C PRO B 481 -25.40 34.32 -3.38
N LEU B 482 -24.50 34.49 -4.31
CA LEU B 482 -23.08 34.47 -3.96
C LEU B 482 -22.70 35.74 -3.21
N PRO B 483 -22.21 35.65 -1.98
CA PRO B 483 -21.81 36.85 -1.25
C PRO B 483 -20.41 37.30 -1.66
N ARG B 484 -20.00 38.48 -1.19
CA ARG B 484 -18.65 38.98 -1.40
C ARG B 484 -17.93 38.98 -0.06
N PHE B 485 -16.61 38.83 -0.12
CA PHE B 485 -15.79 38.79 1.08
C PHE B 485 -14.53 39.61 0.86
N PRO B 486 -14.03 40.23 1.92
CA PRO B 486 -12.85 41.09 1.80
C PRO B 486 -11.59 40.28 1.57
N LYS B 487 -10.60 40.93 0.94
CA LYS B 487 -9.31 40.30 0.72
C LYS B 487 -8.58 40.09 2.06
N LYS B 488 -7.80 39.02 2.13
CA LYS B 488 -6.96 38.77 3.29
C LYS B 488 -5.46 38.88 3.03
N TYR B 489 -5.00 38.97 1.78
CA TYR B 489 -3.58 38.99 1.45
C TYR B 489 -3.13 40.42 1.11
N SER B 490 -2.05 40.87 1.74
CA SER B 490 -1.53 42.22 1.50
C SER B 490 -0.59 42.29 0.32
N TYR B 491 -0.04 41.17 -0.08
CA TYR B 491 0.98 41.11 -1.11
C TYR B 491 0.36 40.74 -2.45
N PRO B 492 1.12 40.87 -3.54
CA PRO B 492 0.51 40.63 -4.85
C PRO B 492 0.27 39.15 -5.10
N LEU B 493 -0.82 38.87 -5.79
CA LEU B 493 -1.19 37.48 -5.99
C LEU B 493 -0.51 36.87 -7.21
N LYS B 494 0.11 37.67 -8.06
CA LYS B 494 0.58 37.12 -9.32
C LYS B 494 1.66 36.08 -9.05
N SER B 495 1.58 34.95 -9.77
CA SER B 495 2.57 33.88 -9.61
C SER B 495 3.86 34.20 -10.37
N PRO B 496 5.03 33.84 -9.85
CA PRO B 496 6.25 33.96 -10.68
C PRO B 496 6.34 32.89 -11.76
N GLY B 497 5.42 31.94 -11.77
CA GLY B 497 5.46 30.85 -12.74
C GLY B 497 6.36 29.73 -12.27
N VAL B 498 6.51 28.72 -13.13
CA VAL B 498 7.19 27.47 -12.77
C VAL B 498 8.44 27.22 -13.61
N ARG B 499 8.93 28.26 -14.30
CA ARG B 499 10.21 28.21 -15.00
C ARG B 499 11.28 28.88 -14.14
N PRO B 500 12.47 28.30 -14.03
CA PRO B 500 13.51 28.91 -13.18
C PRO B 500 13.91 30.32 -13.61
N SER B 501 14.44 31.05 -12.63
CA SER B 501 15.00 32.39 -12.86
C SER B 501 16.36 32.34 -13.54
N ASN B 502 17.17 31.32 -13.25
CA ASN B 502 18.21 30.77 -14.14
C ASN B 502 18.93 29.59 -13.49
N HIS C 3 -16.12 17.25 -14.73
CA HIS C 3 -15.35 17.60 -13.51
C HIS C 3 -15.36 19.10 -13.59
N PRO C 4 -15.23 19.95 -12.45
CA PRO C 4 -15.19 21.37 -12.53
C PRO C 4 -13.99 21.78 -13.41
N TRP C 5 -12.89 20.77 -13.68
CA TRP C 5 -11.68 21.10 -14.52
C TRP C 5 -11.77 20.50 -15.90
N SER C 6 -13.08 20.12 -16.46
CA SER C 6 -13.24 19.56 -17.81
C SER C 6 -13.46 20.69 -18.80
N VAL C 7 -12.51 20.90 -19.97
CA VAL C 7 -12.61 22.00 -21.06
C VAL C 7 -13.81 21.45 -21.80
#